data_3DA4
#
_entry.id   3DA4
#
_cell.length_a   50.490
_cell.length_b   108.750
_cell.length_c   224.940
_cell.angle_alpha   90.00
_cell.angle_beta   90.00
_cell.angle_gamma   90.00
#
_symmetry.space_group_name_H-M   'C 2 2 21'
#
loop_
_entity.id
_entity.type
_entity.pdbx_description
1 polymer Colicin-M
2 non-polymer 'NITRATE ION'
3 water water
#
_entity_poly.entity_id   1
_entity_poly.type   'polypeptide(L)'
_entity_poly.pdbx_seq_one_letter_code
;METLTVHAPSPSTNLPSYGNGAFSLSAPHVPGAGPLLVQVVYSFFQSPNMCLQALTQLEDYIKKHGASNPLTLQIISTNI
GYFCNADRNLVLHPGISVYDAYHFAKPAPSQYDYRSMNMKQMSGNVTTPIVALAHYLWGNGAERSVNIANIGLKISPMKI
NQIKDIIKSGVVGTFPVSTKFTHATGDYNVITGAYLGNITLKTEGTLTISANGSWTYNGVVRSYDDKYDFNASTHRGIIG
ESLTRLGAMFSGKEYQILLPGEIHIKESGKRAAHHHHHH
;
_entity_poly.pdbx_strand_id   A,B
#
# COMPACT_ATOMS: atom_id res chain seq x y z
N GLU A 2 -14.33 19.80 -24.53
CA GLU A 2 -13.63 18.57 -24.99
C GLU A 2 -14.06 17.39 -24.14
N THR A 3 -13.13 16.82 -23.38
CA THR A 3 -13.43 15.65 -22.57
C THR A 3 -14.37 16.05 -21.43
N LEU A 4 -15.16 15.10 -20.96
CA LEU A 4 -16.14 15.43 -19.94
C LEU A 4 -15.55 15.10 -18.61
N THR A 5 -15.89 15.90 -17.61
CA THR A 5 -15.43 15.64 -16.28
C THR A 5 -16.36 14.70 -15.57
N VAL A 6 -15.79 13.63 -15.07
CA VAL A 6 -16.53 12.74 -14.25
C VAL A 6 -16.18 13.15 -12.86
N HIS A 7 -17.20 13.35 -12.04
CA HIS A 7 -16.95 13.75 -10.70
C HIS A 7 -16.22 12.62 -10.00
N ALA A 8 -15.24 12.97 -9.19
CA ALA A 8 -14.63 11.98 -8.32
C ALA A 8 -15.75 11.31 -7.57
N PRO A 9 -15.62 10.01 -7.34
CA PRO A 9 -16.56 9.37 -6.46
C PRO A 9 -16.50 10.06 -5.13
N SER A 10 -17.66 10.30 -4.58
CA SER A 10 -17.78 10.95 -3.32
C SER A 10 -19.17 10.59 -2.86
N PRO A 11 -19.35 10.42 -1.55
CA PRO A 11 -20.68 10.12 -1.07
C PRO A 11 -21.70 11.12 -1.58
N SER A 12 -21.28 12.35 -1.81
CA SER A 12 -22.19 13.42 -2.21
C SER A 12 -22.61 13.37 -3.67
N THR A 13 -21.90 12.57 -4.47
CA THR A 13 -22.13 12.55 -5.90
C THR A 13 -22.38 11.15 -6.35
N ASN A 14 -21.94 10.20 -5.55
CA ASN A 14 -22.11 8.83 -5.94
C ASN A 14 -23.54 8.48 -6.03
N LEU A 15 -23.84 7.58 -6.94
CA LEU A 15 -25.14 7.00 -6.91
C LEU A 15 -25.14 6.05 -5.73
N PRO A 16 -26.32 5.76 -5.20
CA PRO A 16 -26.53 4.72 -4.21
C PRO A 16 -25.97 3.38 -4.64
N SER A 17 -25.76 3.22 -5.92
CA SER A 17 -25.47 1.92 -6.44
C SER A 17 -24.70 1.92 -7.72
N TYR A 18 -23.86 0.94 -7.86
CA TYR A 18 -23.18 0.69 -9.08
C TYR A 18 -24.27 0.56 -10.11
N GLY A 19 -24.08 1.17 -11.27
CA GLY A 19 -25.06 1.07 -12.36
C GLY A 19 -26.38 1.70 -12.01
N ASN A 20 -26.36 2.59 -11.01
CA ASN A 20 -27.58 3.16 -10.45
C ASN A 20 -28.60 2.06 -10.15
N GLY A 21 -28.09 0.89 -9.80
CA GLY A 21 -28.94 -0.24 -9.49
C GLY A 21 -29.64 -0.89 -10.67
N ALA A 22 -29.50 -0.27 -11.84
CA ALA A 22 -30.12 -0.77 -13.06
C ALA A 22 -29.27 -1.88 -13.64
N PHE A 23 -27.96 -1.79 -13.44
CA PHE A 23 -27.11 -2.88 -13.79
C PHE A 23 -26.12 -3.08 -12.69
N SER A 24 -25.56 -4.27 -12.68
CA SER A 24 -24.65 -4.68 -11.66
C SER A 24 -23.52 -5.34 -12.37
N LEU A 25 -22.39 -5.39 -11.68
CA LEU A 25 -21.29 -6.17 -12.13
C LEU A 25 -21.52 -7.56 -11.60
N SER A 26 -21.63 -8.51 -12.51
CA SER A 26 -21.92 -9.86 -12.12
C SER A 26 -21.59 -10.74 -13.29
N ALA A 27 -21.53 -12.03 -13.02
CA ALA A 27 -21.12 -12.98 -14.02
C ALA A 27 -22.10 -12.96 -15.18
N PRO A 28 -21.60 -13.22 -16.39
CA PRO A 28 -22.44 -13.43 -17.55
C PRO A 28 -23.66 -14.29 -17.23
N HIS A 29 -24.78 -13.92 -17.85
CA HIS A 29 -25.91 -14.81 -17.89
C HIS A 29 -25.56 -15.96 -18.83
N VAL A 30 -25.37 -17.14 -18.25
CA VAL A 30 -25.17 -18.31 -19.07
C VAL A 30 -26.55 -18.94 -19.24
N PRO A 31 -27.10 -18.88 -20.47
CA PRO A 31 -28.44 -19.38 -20.64
C PRO A 31 -28.43 -20.90 -20.50
N GLY A 32 -29.45 -21.44 -19.84
CA GLY A 32 -29.50 -22.86 -19.57
C GLY A 32 -28.58 -23.31 -18.45
N ALA A 33 -27.81 -22.39 -17.86
CA ALA A 33 -26.98 -22.77 -16.72
C ALA A 33 -27.77 -22.68 -15.41
N GLY A 34 -29.01 -22.23 -15.50
CA GLY A 34 -29.87 -22.08 -14.33
C GLY A 34 -29.50 -20.83 -13.56
N PRO A 35 -30.00 -20.71 -12.32
CA PRO A 35 -29.75 -19.52 -11.52
C PRO A 35 -28.27 -19.19 -11.38
N LEU A 36 -27.96 -17.90 -11.39
CA LEU A 36 -26.61 -17.48 -11.14
C LEU A 36 -26.30 -17.73 -9.69
N LEU A 37 -25.25 -18.50 -9.47
CA LEU A 37 -24.83 -18.85 -8.14
C LEU A 37 -23.57 -18.11 -7.86
N VAL A 38 -23.37 -17.85 -6.59
CA VAL A 38 -22.27 -17.04 -6.11
C VAL A 38 -20.94 -17.55 -6.61
N GLN A 39 -20.80 -18.87 -6.74
CA GLN A 39 -19.51 -19.40 -7.12
C GLN A 39 -19.10 -18.84 -8.47
N VAL A 40 -20.05 -18.83 -9.40
CA VAL A 40 -19.83 -18.30 -10.71
C VAL A 40 -19.45 -16.84 -10.56
N VAL A 41 -20.26 -16.12 -9.79
CA VAL A 41 -20.10 -14.70 -9.69
C VAL A 41 -18.77 -14.44 -9.00
N TYR A 42 -18.49 -15.22 -7.98
CA TYR A 42 -17.27 -15.09 -7.24
C TYR A 42 -16.08 -15.25 -8.15
N SER A 43 -16.11 -16.32 -8.94
CA SER A 43 -15.06 -16.63 -9.90
C SER A 43 -15.01 -15.56 -10.95
N PHE A 44 -16.17 -15.09 -11.35
CA PHE A 44 -16.20 -14.00 -12.31
C PHE A 44 -15.48 -12.75 -11.79
N PHE A 45 -15.75 -12.42 -10.53
CA PHE A 45 -15.13 -11.25 -9.92
C PHE A 45 -13.63 -11.39 -9.80
N GLN A 46 -13.18 -12.62 -9.68
CA GLN A 46 -11.79 -12.91 -9.69
C GLN A 46 -11.21 -12.80 -11.08
N SER A 47 -12.08 -12.85 -12.09
CA SER A 47 -11.57 -12.90 -13.44
C SER A 47 -11.41 -11.52 -14.00
N PRO A 48 -10.52 -11.38 -14.99
CA PRO A 48 -10.36 -10.12 -15.69
C PRO A 48 -11.67 -9.72 -16.28
N ASN A 49 -12.51 -10.70 -16.56
CA ASN A 49 -13.76 -10.39 -17.20
C ASN A 49 -14.62 -9.46 -16.39
N MET A 50 -14.43 -9.43 -15.08
CA MET A 50 -15.25 -8.56 -14.25
C MET A 50 -14.87 -7.13 -14.56
N CYS A 51 -13.60 -6.95 -14.85
CA CYS A 51 -13.10 -5.64 -15.10
C CYS A 51 -13.58 -5.23 -16.48
N LEU A 52 -13.45 -6.15 -17.43
CA LEU A 52 -13.90 -5.87 -18.78
C LEU A 52 -15.36 -5.53 -18.71
N GLN A 53 -16.10 -6.32 -17.96
CA GLN A 53 -17.53 -6.16 -17.89
C GLN A 53 -17.90 -4.80 -17.36
N ALA A 54 -17.24 -4.40 -16.27
CA ALA A 54 -17.57 -3.14 -15.64
C ALA A 54 -17.35 -2.01 -16.62
N LEU A 55 -16.20 -2.05 -17.29
CA LEU A 55 -15.84 -1.08 -18.29
C LEU A 55 -16.79 -1.13 -19.46
N THR A 56 -17.05 -2.33 -19.93
CA THR A 56 -18.04 -2.59 -20.97
C THR A 56 -19.36 -1.98 -20.57
N GLN A 57 -19.75 -2.13 -19.32
CA GLN A 57 -20.97 -1.56 -18.87
C GLN A 57 -20.92 -0.07 -18.91
N LEU A 58 -19.82 0.52 -18.45
CA LEU A 58 -19.66 1.95 -18.58
C LEU A 58 -19.78 2.35 -20.03
N GLU A 59 -19.08 1.65 -20.89
CA GLU A 59 -19.07 2.02 -22.29
C GLU A 59 -20.46 1.88 -22.83
N ASP A 60 -21.13 0.80 -22.46
CA ASP A 60 -22.48 0.55 -22.93
C ASP A 60 -23.44 1.58 -22.43
N TYR A 61 -23.27 1.97 -21.16
CA TYR A 61 -24.08 2.98 -20.56
C TYR A 61 -23.89 4.30 -21.26
N ILE A 62 -22.64 4.62 -21.54
CA ILE A 62 -22.30 5.83 -22.31
C ILE A 62 -22.88 5.79 -23.71
N LYS A 63 -22.78 4.63 -24.35
CA LYS A 63 -23.34 4.47 -25.67
C LYS A 63 -24.82 4.75 -25.65
N LYS A 64 -25.51 4.16 -24.69
CA LYS A 64 -26.97 4.34 -24.59
C LYS A 64 -27.40 5.71 -24.09
N HIS A 65 -26.63 6.31 -23.18
CA HIS A 65 -27.12 7.47 -22.48
C HIS A 65 -26.34 8.72 -22.75
N GLY A 66 -25.13 8.55 -23.28
CA GLY A 66 -24.32 9.68 -23.65
C GLY A 66 -23.30 9.91 -22.58
N ALA A 67 -22.10 10.18 -23.02
CA ALA A 67 -21.00 10.38 -22.13
C ALA A 67 -21.26 11.59 -21.25
N SER A 68 -21.88 12.62 -21.81
CA SER A 68 -22.08 13.88 -21.11
C SER A 68 -23.35 13.85 -20.28
N ASN A 69 -24.09 12.76 -20.38
CA ASN A 69 -25.28 12.57 -19.58
C ASN A 69 -24.91 12.56 -18.09
N PRO A 70 -25.50 13.47 -17.30
CA PRO A 70 -25.15 13.55 -15.88
C PRO A 70 -25.21 12.20 -15.19
N LEU A 71 -26.23 11.40 -15.51
CA LEU A 71 -26.36 10.07 -14.93
C LEU A 71 -25.21 9.18 -15.36
N THR A 72 -24.82 9.27 -16.62
CA THR A 72 -23.70 8.50 -17.14
C THR A 72 -22.47 8.84 -16.33
N LEU A 73 -22.24 10.13 -16.19
CA LEU A 73 -21.13 10.61 -15.38
C LEU A 73 -21.23 10.07 -13.95
N GLN A 74 -22.43 10.07 -13.38
CA GLN A 74 -22.58 9.60 -12.02
C GLN A 74 -22.31 8.12 -12.00
N ILE A 75 -22.79 7.42 -13.03
CA ILE A 75 -22.58 5.97 -13.10
C ILE A 75 -21.12 5.65 -13.26
N ILE A 76 -20.44 6.37 -14.11
CA ILE A 76 -19.01 6.17 -14.26
C ILE A 76 -18.38 6.40 -12.89
N SER A 77 -18.59 7.57 -12.33
CA SER A 77 -18.00 7.88 -11.05
C SER A 77 -18.34 6.80 -10.05
N THR A 78 -19.61 6.48 -9.96
CA THR A 78 -20.03 5.55 -8.94
C THR A 78 -19.43 4.19 -9.18
N ASN A 79 -19.55 3.72 -10.40
CA ASN A 79 -19.11 2.38 -10.75
C ASN A 79 -17.63 2.25 -10.58
N ILE A 80 -16.93 3.26 -11.03
CA ILE A 80 -15.49 3.25 -10.80
C ILE A 80 -15.17 3.30 -9.31
N GLY A 81 -15.93 4.08 -8.54
CA GLY A 81 -15.83 4.08 -7.09
C GLY A 81 -15.89 2.66 -6.57
N TYR A 82 -16.80 1.87 -7.12
CA TYR A 82 -16.89 0.50 -6.68
C TYR A 82 -15.55 -0.17 -6.83
N PHE A 83 -14.93 0.05 -7.97
CA PHE A 83 -13.65 -0.58 -8.23
C PHE A 83 -12.58 -0.02 -7.35
N CYS A 84 -12.62 1.28 -7.14
CA CYS A 84 -11.67 1.88 -6.24
C CYS A 84 -11.87 1.32 -4.87
N ASN A 85 -13.14 1.20 -4.47
CA ASN A 85 -13.40 0.68 -3.17
C ASN A 85 -12.90 -0.72 -3.05
N ALA A 86 -13.23 -1.52 -4.05
CA ALA A 86 -12.82 -2.91 -4.07
C ALA A 86 -11.32 -3.01 -4.09
N ASP A 87 -10.70 -2.18 -4.90
CA ASP A 87 -9.27 -2.29 -5.02
C ASP A 87 -8.61 -1.87 -3.72
N ARG A 88 -9.18 -0.86 -3.10
CA ARG A 88 -8.73 -0.43 -1.79
C ARG A 88 -8.72 -1.62 -0.85
N ASN A 89 -9.81 -2.36 -0.87
CA ASN A 89 -9.98 -3.44 0.05
C ASN A 89 -8.99 -4.53 -0.27
N LEU A 90 -8.74 -4.75 -1.55
CA LEU A 90 -7.74 -5.70 -2.01
C LEU A 90 -6.35 -5.23 -1.63
N VAL A 91 -6.06 -3.97 -1.82
CA VAL A 91 -4.76 -3.51 -1.35
C VAL A 91 -4.60 -3.67 0.15
N LEU A 92 -5.64 -3.34 0.89
CA LEU A 92 -5.57 -3.37 2.34
C LEU A 92 -5.53 -4.79 2.81
N HIS A 93 -6.17 -5.67 2.07
CA HIS A 93 -6.31 -7.05 2.52
C HIS A 93 -5.89 -7.96 1.43
N PRO A 94 -4.59 -7.98 1.11
CA PRO A 94 -4.19 -8.74 -0.05
C PRO A 94 -4.57 -10.17 0.16
N GLY A 95 -4.98 -10.83 -0.90
CA GLY A 95 -5.24 -12.23 -0.80
C GLY A 95 -6.70 -12.47 -0.63
N ILE A 96 -7.48 -11.42 -0.46
CA ILE A 96 -8.91 -11.65 -0.45
C ILE A 96 -9.37 -11.69 -1.88
N SER A 97 -10.47 -12.35 -2.11
CA SER A 97 -10.92 -12.42 -3.45
C SER A 97 -11.46 -11.08 -3.79
N VAL A 98 -11.57 -10.87 -5.08
CA VAL A 98 -12.06 -9.64 -5.61
C VAL A 98 -13.51 -9.59 -5.23
N TYR A 99 -14.17 -10.73 -5.30
CA TYR A 99 -15.57 -10.76 -5.00
C TYR A 99 -15.76 -10.19 -3.62
N ASP A 100 -14.95 -10.65 -2.68
CA ASP A 100 -15.07 -10.19 -1.33
C ASP A 100 -14.76 -8.74 -1.14
N ALA A 101 -13.64 -8.31 -1.71
CA ALA A 101 -13.19 -6.95 -1.57
C ALA A 101 -14.23 -6.07 -2.19
N TYR A 102 -14.90 -6.61 -3.21
CA TYR A 102 -15.77 -5.79 -3.98
C TYR A 102 -17.12 -5.64 -3.29
N HIS A 103 -17.54 -6.71 -2.63
CA HIS A 103 -18.92 -6.78 -2.19
C HIS A 103 -19.07 -6.49 -0.72
N PHE A 104 -18.00 -6.68 0.05
CA PHE A 104 -18.05 -6.42 1.48
C PHE A 104 -16.69 -5.94 2.03
N ALA A 105 -16.25 -4.68 1.90
CA ALA A 105 -16.97 -3.45 1.49
C ALA A 105 -18.25 -3.08 2.27
N LYS A 106 -18.19 -2.45 3.46
CA LYS A 106 -17.02 -2.13 4.34
C LYS A 106 -15.74 -1.42 3.81
N PRO A 107 -15.79 -0.08 3.57
CA PRO A 107 -16.91 0.86 3.62
C PRO A 107 -17.72 0.71 2.36
N ALA A 108 -19.00 1.06 2.40
CA ALA A 108 -19.89 0.87 1.28
C ALA A 108 -19.28 1.46 0.02
N PRO A 109 -19.19 0.67 -1.06
CA PRO A 109 -18.64 1.16 -2.31
C PRO A 109 -19.35 2.37 -2.84
N SER A 110 -20.66 2.48 -2.59
CA SER A 110 -21.38 3.66 -3.04
C SER A 110 -20.98 4.90 -2.24
N GLN A 111 -20.33 4.68 -1.10
CA GLN A 111 -19.88 5.78 -0.25
C GLN A 111 -18.46 6.10 -0.60
N TYR A 112 -17.94 5.41 -1.59
CA TYR A 112 -16.57 5.60 -1.96
C TYR A 112 -16.30 7.06 -2.24
N ASP A 113 -15.28 7.54 -1.56
CA ASP A 113 -14.88 8.92 -1.69
C ASP A 113 -13.48 8.92 -2.21
N TYR A 114 -13.34 9.22 -3.48
CA TYR A 114 -12.04 9.18 -4.07
C TYR A 114 -11.06 10.09 -3.39
N ARG A 115 -11.43 11.35 -3.19
CA ARG A 115 -10.50 12.30 -2.60
C ARG A 115 -9.91 11.77 -1.31
N SER A 116 -10.76 11.22 -0.46
CA SER A 116 -10.31 10.81 0.86
C SER A 116 -9.76 9.43 0.85
N MET A 117 -10.17 8.64 -0.15
CA MET A 117 -9.92 7.24 -0.06
C MET A 117 -8.97 6.73 -1.08
N ASN A 118 -8.73 7.52 -2.10
CA ASN A 118 -7.96 7.00 -3.19
C ASN A 118 -6.62 6.59 -2.66
N MET A 119 -6.09 5.53 -3.20
CA MET A 119 -4.86 5.03 -2.73
C MET A 119 -3.86 5.17 -3.82
N LYS A 120 -2.61 5.35 -3.45
CA LYS A 120 -1.58 5.46 -4.46
C LYS A 120 -1.33 4.09 -5.03
N GLN A 121 -1.49 3.09 -4.18
CA GLN A 121 -1.23 1.72 -4.56
C GLN A 121 -2.47 1.08 -5.10
N MET A 122 -2.30 0.38 -6.20
CA MET A 122 -3.38 -0.38 -6.73
C MET A 122 -3.05 -1.82 -6.51
N SER A 123 -4.09 -2.63 -6.43
CA SER A 123 -3.90 -3.99 -6.00
C SER A 123 -3.22 -4.78 -7.06
N GLY A 124 -3.41 -4.39 -8.30
CA GLY A 124 -2.85 -5.18 -9.41
C GLY A 124 -3.89 -6.23 -9.74
N ASN A 125 -4.93 -6.28 -8.94
CA ASN A 125 -5.92 -7.26 -9.17
C ASN A 125 -6.85 -6.79 -10.29
N VAL A 126 -7.87 -7.56 -10.58
CA VAL A 126 -8.64 -7.31 -11.79
C VAL A 126 -9.34 -5.97 -11.71
N THR A 127 -9.46 -5.46 -10.49
CA THR A 127 -10.12 -4.19 -10.28
C THR A 127 -9.22 -3.09 -10.74
N THR A 128 -7.93 -3.40 -10.81
CA THR A 128 -6.95 -2.34 -10.96
C THR A 128 -7.11 -1.47 -12.19
N PRO A 129 -7.42 -2.08 -13.37
CA PRO A 129 -7.48 -1.15 -14.50
C PRO A 129 -8.53 -0.11 -14.34
N ILE A 130 -9.65 -0.43 -13.70
CA ILE A 130 -10.64 0.62 -13.49
C ILE A 130 -10.15 1.61 -12.47
N VAL A 131 -9.47 1.13 -11.44
CA VAL A 131 -8.92 2.02 -10.45
C VAL A 131 -7.91 2.93 -11.16
N ALA A 132 -7.20 2.35 -12.13
CA ALA A 132 -6.15 3.09 -12.83
C ALA A 132 -6.84 4.18 -13.61
N LEU A 133 -8.04 3.89 -14.07
CA LEU A 133 -8.77 4.83 -14.85
C LEU A 133 -9.27 5.86 -13.85
N ALA A 134 -9.78 5.38 -12.72
CA ALA A 134 -10.16 6.26 -11.64
C ALA A 134 -9.08 7.28 -11.40
N HIS A 135 -7.84 6.80 -11.37
CA HIS A 135 -6.78 7.72 -11.04
C HIS A 135 -6.51 8.67 -12.16
N TYR A 136 -6.74 8.22 -13.37
CA TYR A 136 -6.67 9.11 -14.54
C TYR A 136 -7.68 10.19 -14.32
N LEU A 137 -8.90 9.78 -14.00
CA LEU A 137 -10.00 10.75 -13.91
C LEU A 137 -9.85 11.70 -12.76
N TRP A 138 -9.40 11.20 -11.62
CA TRP A 138 -9.54 11.96 -10.39
C TRP A 138 -8.23 12.12 -9.67
N GLY A 139 -7.22 11.47 -10.18
CA GLY A 139 -5.98 11.31 -9.45
C GLY A 139 -5.15 12.56 -9.52
N ASN A 140 -5.56 13.48 -10.39
CA ASN A 140 -4.86 14.74 -10.53
C ASN A 140 -3.40 14.51 -10.86
N GLY A 141 -3.12 13.41 -11.57
CA GLY A 141 -1.78 13.11 -12.01
C GLY A 141 -0.88 12.53 -10.95
N ALA A 142 -1.46 12.18 -9.79
CA ALA A 142 -0.68 11.61 -8.72
C ALA A 142 -0.15 10.28 -9.20
N GLU A 143 1.07 10.02 -8.82
CA GLU A 143 1.70 8.78 -9.07
C GLU A 143 0.96 7.70 -8.34
N ARG A 144 0.87 6.56 -9.00
CA ARG A 144 0.27 5.43 -8.37
C ARG A 144 1.33 4.38 -8.39
N SER A 145 1.04 3.27 -7.77
CA SER A 145 1.97 2.17 -7.87
C SER A 145 1.17 0.93 -7.82
N VAL A 146 1.76 -0.08 -8.43
CA VAL A 146 1.28 -1.38 -8.17
C VAL A 146 2.55 -2.12 -7.93
N ASN A 147 2.57 -2.99 -6.94
CA ASN A 147 3.77 -3.72 -6.76
C ASN A 147 3.91 -4.71 -7.88
N ILE A 148 5.14 -4.91 -8.33
CA ILE A 148 5.35 -5.77 -9.46
C ILE A 148 4.91 -7.19 -9.11
N ALA A 149 4.86 -7.48 -7.81
CA ALA A 149 4.47 -8.80 -7.39
C ALA A 149 2.97 -8.98 -7.54
N ASN A 150 2.27 -7.89 -7.87
CA ASN A 150 0.83 -7.91 -7.92
C ASN A 150 0.25 -7.79 -9.29
N ILE A 151 1.12 -7.80 -10.28
CA ILE A 151 0.66 -7.51 -11.63
C ILE A 151 0.60 -8.77 -12.44
N GLY A 152 0.73 -9.90 -11.76
CA GLY A 152 0.50 -11.20 -12.37
C GLY A 152 1.45 -11.40 -13.53
N LEU A 153 2.70 -11.00 -13.34
CA LEU A 153 3.69 -11.24 -14.36
C LEU A 153 3.83 -12.70 -14.65
N LYS A 154 3.81 -13.03 -15.92
CA LYS A 154 4.20 -14.34 -16.38
C LYS A 154 5.44 -14.09 -17.18
N ILE A 155 6.56 -14.47 -16.61
CA ILE A 155 7.81 -14.28 -17.28
C ILE A 155 8.12 -15.55 -18.05
N SER A 156 8.38 -15.41 -19.34
CA SER A 156 8.93 -16.52 -20.09
C SER A 156 10.37 -16.20 -20.45
N PRO A 157 11.32 -16.82 -19.75
CA PRO A 157 12.73 -16.63 -20.04
C PRO A 157 13.05 -16.80 -21.51
N MET A 158 12.33 -17.69 -22.19
CA MET A 158 12.50 -17.90 -23.63
C MET A 158 12.20 -16.66 -24.47
N LYS A 159 11.65 -15.64 -23.84
CA LYS A 159 11.34 -14.40 -24.51
C LYS A 159 12.28 -13.31 -24.02
N ILE A 160 13.23 -13.70 -23.16
CA ILE A 160 14.25 -12.80 -22.61
C ILE A 160 15.62 -13.32 -23.08
N ASN A 161 16.74 -12.62 -22.86
CA ASN A 161 18.09 -13.04 -23.34
CA ASN A 161 17.96 -13.17 -23.48
C ASN A 161 18.69 -14.30 -22.71
N GLN A 162 17.91 -14.92 -21.83
CA GLN A 162 18.10 -16.28 -21.43
C GLN A 162 17.79 -17.09 -22.67
N ILE A 163 16.84 -16.60 -23.48
CA ILE A 163 16.52 -17.25 -24.74
C ILE A 163 17.81 -17.54 -25.47
N LYS A 164 18.68 -16.55 -25.57
CA LYS A 164 19.93 -16.73 -26.28
C LYS A 164 20.79 -17.79 -25.62
N ASP A 165 20.95 -17.72 -24.31
CA ASP A 165 21.69 -18.76 -23.60
C ASP A 165 21.04 -20.08 -23.89
N ILE A 166 19.72 -20.12 -23.74
CA ILE A 166 19.01 -21.36 -23.92
C ILE A 166 19.08 -21.78 -25.37
N ILE A 167 18.54 -20.94 -26.24
CA ILE A 167 17.92 -21.37 -27.50
C ILE A 167 19.00 -21.51 -28.50
N LYS A 168 19.51 -22.74 -28.52
CA LYS A 168 20.74 -22.98 -29.14
C LYS A 168 21.61 -21.91 -28.49
N SER A 169 22.75 -21.57 -29.05
CA SER A 169 23.87 -21.32 -28.19
C SER A 169 24.06 -22.74 -27.71
N GLY A 170 23.06 -23.30 -27.01
CA GLY A 170 23.13 -24.69 -26.57
C GLY A 170 24.17 -24.83 -25.48
N VAL A 171 24.50 -23.70 -24.87
CA VAL A 171 25.45 -23.70 -23.77
C VAL A 171 24.89 -24.49 -22.62
N VAL A 172 25.80 -25.15 -21.92
CA VAL A 172 25.39 -25.95 -20.81
C VAL A 172 26.12 -25.34 -19.64
N GLY A 173 25.38 -25.23 -18.56
CA GLY A 173 25.94 -24.84 -17.30
C GLY A 173 25.05 -23.82 -16.64
N THR A 174 25.68 -22.95 -15.88
CA THR A 174 24.96 -22.00 -15.05
C THR A 174 25.44 -20.64 -15.43
N PHE A 175 24.51 -19.80 -15.84
CA PHE A 175 24.87 -18.53 -16.40
C PHE A 175 24.16 -17.43 -15.69
N PRO A 176 24.92 -16.40 -15.33
CA PRO A 176 24.33 -15.17 -14.84
C PRO A 176 23.50 -14.55 -15.92
N VAL A 177 22.31 -14.13 -15.54
CA VAL A 177 21.50 -13.38 -16.43
C VAL A 177 21.31 -12.06 -15.73
N SER A 178 21.34 -11.01 -16.52
CA SER A 178 21.08 -9.70 -16.03
C SER A 178 20.74 -8.98 -17.29
N THR A 179 19.47 -8.68 -17.43
CA THR A 179 19.06 -8.15 -18.68
C THR A 179 17.79 -7.44 -18.42
N LYS A 180 17.44 -6.61 -19.37
CA LYS A 180 16.17 -6.01 -19.35
C LYS A 180 15.45 -6.55 -20.54
N PHE A 181 14.13 -6.46 -20.49
CA PHE A 181 13.36 -6.94 -21.57
C PHE A 181 12.07 -6.22 -21.50
N THR A 182 11.55 -5.95 -22.68
CA THR A 182 10.22 -5.47 -22.78
C THR A 182 9.35 -6.62 -22.46
N HIS A 183 8.26 -6.29 -21.81
CA HIS A 183 7.34 -7.29 -21.39
C HIS A 183 5.95 -6.78 -21.59
N ALA A 184 5.27 -7.39 -22.54
CA ALA A 184 3.98 -6.97 -22.97
C ALA A 184 3.06 -7.70 -22.04
N THR A 185 2.75 -7.08 -20.90
CA THR A 185 1.84 -7.72 -19.94
C THR A 185 0.50 -7.96 -20.63
N GLY A 186 0.13 -7.07 -21.54
CA GLY A 186 -1.13 -7.17 -22.26
C GLY A 186 -1.19 -8.37 -23.18
N ASP A 187 -0.06 -9.00 -23.43
CA ASP A 187 -0.03 -10.23 -24.20
C ASP A 187 -0.69 -11.38 -23.48
N TYR A 188 -0.75 -11.32 -22.16
CA TYR A 188 -1.27 -12.48 -21.43
C TYR A 188 -2.10 -12.06 -20.26
N ASN A 189 -1.97 -10.79 -19.92
CA ASN A 189 -2.60 -10.26 -18.76
C ASN A 189 -3.39 -9.05 -19.15
N VAL A 190 -4.68 -9.26 -19.33
CA VAL A 190 -5.53 -8.18 -19.82
C VAL A 190 -5.71 -7.12 -18.75
N ILE A 191 -5.50 -7.51 -17.51
CA ILE A 191 -5.59 -6.57 -16.42
C ILE A 191 -4.37 -5.67 -16.39
N THR A 192 -3.22 -6.28 -16.21
CA THR A 192 -1.99 -5.55 -16.14
C THR A 192 -1.72 -4.86 -17.46
N GLY A 193 -2.00 -5.56 -18.53
CA GLY A 193 -1.86 -4.98 -19.86
C GLY A 193 -2.64 -3.71 -19.95
N ALA A 194 -3.87 -3.71 -19.43
CA ALA A 194 -4.72 -2.53 -19.52
C ALA A 194 -4.02 -1.26 -19.01
N TYR A 195 -3.28 -1.37 -17.94
CA TYR A 195 -2.83 -0.14 -17.32
C TYR A 195 -1.34 -0.04 -17.30
N LEU A 196 -0.66 -1.17 -17.34
CA LEU A 196 0.79 -1.14 -17.45
C LEU A 196 1.25 -1.52 -18.83
N GLY A 197 0.48 -2.37 -19.49
CA GLY A 197 0.76 -2.71 -20.86
C GLY A 197 2.16 -3.20 -21.03
N ASN A 198 2.91 -2.50 -21.86
CA ASN A 198 4.27 -2.91 -22.12
C ASN A 198 5.11 -2.30 -21.04
N ILE A 199 5.75 -3.17 -20.28
CA ILE A 199 6.66 -2.69 -19.29
C ILE A 199 8.03 -3.14 -19.69
N THR A 200 9.01 -2.65 -18.97
CA THR A 200 10.36 -3.09 -19.16
C THR A 200 10.77 -3.63 -17.82
N LEU A 201 11.21 -4.87 -17.87
CA LEU A 201 11.61 -5.53 -16.67
C LEU A 201 13.10 -5.71 -16.70
N LYS A 202 13.68 -5.68 -15.52
CA LYS A 202 15.03 -6.11 -15.38
C LYS A 202 14.93 -7.47 -14.76
N THR A 203 15.73 -8.39 -15.26
CA THR A 203 15.87 -9.62 -14.52
C THR A 203 17.33 -9.90 -14.32
N GLU A 204 17.62 -10.37 -13.12
CA GLU A 204 18.95 -10.77 -12.77
C GLU A 204 18.74 -12.12 -12.20
N GLY A 205 19.55 -13.07 -12.61
CA GLY A 205 19.41 -14.36 -12.02
C GLY A 205 20.39 -15.31 -12.62
N THR A 206 20.03 -16.57 -12.54
CA THR A 206 20.90 -17.63 -12.90
C THR A 206 20.10 -18.48 -13.84
N LEU A 207 20.61 -18.62 -15.05
CA LEU A 207 20.04 -19.57 -15.97
C LEU A 207 20.91 -20.80 -15.92
N THR A 208 20.32 -21.91 -15.52
CA THR A 208 21.06 -23.15 -15.56
C THR A 208 20.49 -23.94 -16.70
N ILE A 209 21.36 -24.38 -17.58
CA ILE A 209 20.93 -25.22 -18.67
C ILE A 209 21.74 -26.48 -18.57
N SER A 210 21.04 -27.60 -18.61
CA SER A 210 21.71 -28.88 -18.69
C SER A 210 21.92 -29.21 -20.16
N ALA A 211 22.66 -30.28 -20.43
CA ALA A 211 22.95 -30.67 -21.81
C ALA A 211 21.70 -31.09 -22.53
N ASN A 212 20.71 -31.55 -21.77
CA ASN A 212 19.46 -32.03 -22.36
C ASN A 212 18.51 -30.90 -22.76
N GLY A 213 19.00 -29.68 -22.69
CA GLY A 213 18.21 -28.54 -23.08
C GLY A 213 17.39 -28.01 -21.92
N SER A 214 17.29 -28.81 -20.85
CA SER A 214 16.50 -28.39 -19.70
C SER A 214 17.18 -27.24 -19.03
N TRP A 215 16.39 -26.23 -18.70
CA TRP A 215 16.96 -25.05 -18.11
C TRP A 215 16.09 -24.60 -16.99
N THR A 216 16.70 -23.96 -16.02
CA THR A 216 15.92 -23.25 -15.04
C THR A 216 16.48 -21.87 -15.01
N TYR A 217 15.57 -20.92 -14.94
CA TYR A 217 15.99 -19.58 -14.73
C TYR A 217 15.54 -19.22 -13.34
N ASN A 218 16.49 -18.92 -12.50
CA ASN A 218 16.16 -18.49 -11.15
C ASN A 218 16.62 -17.06 -11.06
N GLY A 219 15.68 -16.18 -10.85
CA GLY A 219 16.02 -14.81 -10.93
C GLY A 219 15.04 -13.91 -10.26
N VAL A 220 15.42 -12.65 -10.21
CA VAL A 220 14.54 -11.66 -9.70
C VAL A 220 14.11 -10.86 -10.89
N VAL A 221 12.88 -10.40 -10.84
CA VAL A 221 12.39 -9.54 -11.85
C VAL A 221 11.90 -8.33 -11.14
N ARG A 222 12.34 -7.17 -11.63
CA ARG A 222 11.76 -5.97 -11.14
C ARG A 222 11.57 -5.10 -12.35
N SER A 223 10.94 -3.98 -12.18
CA SER A 223 10.70 -3.16 -13.31
C SER A 223 11.99 -2.46 -13.68
N TYR A 224 12.25 -2.38 -14.97
CA TYR A 224 13.42 -1.68 -15.42
C TYR A 224 13.11 -0.18 -15.32
N ASP A 225 11.90 0.17 -15.72
CA ASP A 225 11.42 1.52 -15.55
C ASP A 225 10.83 1.66 -14.18
N ASP A 226 11.09 2.79 -13.54
CA ASP A 226 10.56 3.04 -12.22
C ASP A 226 9.06 3.09 -12.25
N LYS A 227 8.55 3.71 -13.29
CA LYS A 227 7.14 3.91 -13.42
C LYS A 227 6.74 3.87 -14.88
N TYR A 228 5.44 3.76 -15.08
CA TYR A 228 4.87 3.67 -16.38
C TYR A 228 3.80 4.68 -16.46
N ASP A 229 3.71 5.33 -17.60
CA ASP A 229 2.66 6.27 -17.75
C ASP A 229 1.37 5.53 -17.95
N PHE A 230 0.36 6.04 -17.28
CA PHE A 230 -0.97 5.62 -17.58
C PHE A 230 -1.60 6.62 -18.52
N ASN A 231 -1.72 6.20 -19.76
CA ASN A 231 -2.35 7.05 -20.75
C ASN A 231 -2.81 6.14 -21.86
N ALA A 232 -3.47 6.71 -22.86
CA ALA A 232 -4.02 5.95 -23.98
C ALA A 232 -2.94 5.12 -24.59
N SER A 233 -1.76 5.71 -24.75
CA SER A 233 -0.74 5.07 -25.55
C SER A 233 -0.20 3.84 -24.85
N THR A 234 -0.28 3.79 -23.52
CA THR A 234 0.39 2.68 -22.83
C THR A 234 -0.56 1.56 -22.49
N HIS A 235 -1.85 1.79 -22.55
CA HIS A 235 -2.76 0.70 -22.27
C HIS A 235 -2.58 -0.33 -23.32
N ARG A 236 -2.71 -1.58 -22.90
CA ARG A 236 -2.71 -2.65 -23.84
C ARG A 236 -3.87 -3.56 -23.56
N GLY A 237 -4.23 -4.31 -24.58
CA GLY A 237 -5.23 -5.32 -24.35
C GLY A 237 -6.60 -4.74 -24.32
N ILE A 238 -7.59 -5.61 -24.29
CA ILE A 238 -8.91 -5.16 -24.58
C ILE A 238 -9.46 -4.30 -23.50
N ILE A 239 -9.00 -4.55 -22.27
CA ILE A 239 -9.43 -3.71 -21.16
C ILE A 239 -8.73 -2.39 -21.35
N GLY A 240 -7.47 -2.43 -21.75
CA GLY A 240 -6.72 -1.21 -22.02
C GLY A 240 -7.46 -0.36 -23.02
N GLU A 241 -8.04 -1.02 -24.02
CA GLU A 241 -8.74 -0.30 -25.06
C GLU A 241 -9.95 0.42 -24.50
N SER A 242 -10.66 -0.27 -23.62
CA SER A 242 -11.77 0.32 -22.92
C SER A 242 -11.34 1.53 -22.07
N LEU A 243 -10.22 1.42 -21.37
CA LEU A 243 -9.67 2.55 -20.66
C LEU A 243 -9.41 3.70 -21.61
N THR A 244 -8.84 3.37 -22.76
CA THR A 244 -8.50 4.38 -23.74
C THR A 244 -9.75 5.09 -24.21
N ARG A 245 -10.78 4.31 -24.52
CA ARG A 245 -12.00 4.89 -25.02
C ARG A 245 -12.64 5.74 -23.95
N LEU A 246 -12.66 5.24 -22.73
CA LEU A 246 -13.22 6.02 -21.64
C LEU A 246 -12.35 7.21 -21.34
N GLY A 247 -11.04 6.99 -21.37
CA GLY A 247 -10.08 8.02 -21.06
C GLY A 247 -10.15 9.12 -22.09
N ALA A 248 -10.53 8.76 -23.32
CA ALA A 248 -10.66 9.69 -24.42
C ALA A 248 -11.87 10.56 -24.24
N MET A 249 -12.89 10.06 -23.54
CA MET A 249 -14.15 10.79 -23.37
C MET A 249 -14.16 11.66 -22.15
N PHE A 250 -13.37 11.27 -21.19
CA PHE A 250 -13.42 11.93 -19.91
C PHE A 250 -12.13 12.52 -19.52
N SER A 251 -12.26 13.63 -18.81
CA SER A 251 -11.15 14.42 -18.37
C SER A 251 -10.41 13.66 -17.32
N GLY A 252 -9.11 13.64 -17.46
CA GLY A 252 -8.33 12.98 -16.47
C GLY A 252 -6.95 13.46 -16.75
N LYS A 253 -6.04 13.00 -15.92
CA LYS A 253 -4.68 13.38 -16.06
C LYS A 253 -3.93 12.12 -16.16
N GLU A 254 -3.01 12.09 -17.11
CA GLU A 254 -2.11 10.99 -17.18
C GLU A 254 -1.37 10.98 -15.86
N TYR A 255 -0.94 9.81 -15.44
CA TYR A 255 -0.14 9.80 -14.29
C TYR A 255 0.71 8.60 -14.46
N GLN A 256 1.66 8.46 -13.56
CA GLN A 256 2.60 7.41 -13.67
C GLN A 256 2.34 6.40 -12.63
N ILE A 257 2.67 5.18 -13.00
CA ILE A 257 2.42 4.05 -12.14
C ILE A 257 3.74 3.44 -11.89
N LEU A 258 4.21 3.60 -10.65
CA LEU A 258 5.36 2.92 -10.16
C LEU A 258 5.11 1.46 -10.20
N LEU A 259 6.17 0.74 -10.50
CA LEU A 259 6.08 -0.67 -10.49
C LEU A 259 7.19 -1.12 -9.55
N PRO A 260 7.07 -0.81 -8.24
CA PRO A 260 8.13 -1.15 -7.35
C PRO A 260 8.08 -2.62 -7.05
N GLY A 261 9.13 -3.07 -6.40
CA GLY A 261 9.19 -4.41 -5.92
C GLY A 261 9.93 -5.29 -6.88
N GLU A 262 9.99 -6.54 -6.51
CA GLU A 262 10.78 -7.43 -7.23
C GLU A 262 10.06 -8.73 -7.06
N ILE A 263 10.05 -9.54 -8.10
CA ILE A 263 9.56 -10.88 -7.91
C ILE A 263 10.71 -11.81 -8.12
N HIS A 264 10.63 -12.93 -7.43
CA HIS A 264 11.59 -13.96 -7.61
C HIS A 264 10.91 -14.94 -8.53
N ILE A 265 11.56 -15.27 -9.63
CA ILE A 265 10.98 -16.26 -10.52
C ILE A 265 11.87 -17.46 -10.60
N LYS A 266 11.23 -18.62 -10.59
CA LYS A 266 11.91 -19.87 -10.80
C LYS A 266 11.18 -20.42 -11.99
N GLU A 267 11.79 -20.26 -13.14
CA GLU A 267 11.20 -20.69 -14.37
C GLU A 267 11.99 -21.87 -14.82
N SER A 268 11.33 -22.76 -15.56
CA SER A 268 11.95 -23.93 -16.09
C SER A 268 11.38 -24.17 -17.48
N GLY A 269 12.13 -24.91 -18.27
CA GLY A 269 11.69 -25.31 -19.58
C GLY A 269 12.74 -26.22 -20.13
N LYS A 270 12.52 -26.68 -21.35
CA LYS A 270 13.50 -27.48 -22.05
C LYS A 270 13.63 -26.87 -23.42
N ARG A 271 14.86 -26.77 -23.91
CA ARG A 271 15.11 -26.23 -25.24
C ARG A 271 14.45 -27.09 -26.32
N GLU B 2 -6.59 29.62 17.34
CA GLU B 2 -6.17 28.54 18.28
C GLU B 2 -4.99 27.78 17.66
N THR B 3 -5.25 26.58 17.15
CA THR B 3 -4.22 25.78 16.50
C THR B 3 -3.80 26.42 15.18
N LEU B 4 -2.49 26.38 14.92
CA LEU B 4 -1.92 26.89 13.69
C LEU B 4 -1.98 25.84 12.63
N THR B 5 -2.11 26.28 11.38
CA THR B 5 -2.11 25.36 10.27
C THR B 5 -0.74 25.26 9.64
N VAL B 6 -0.21 24.05 9.64
CA VAL B 6 0.92 23.74 8.80
C VAL B 6 0.43 23.40 7.40
N HIS B 7 1.09 23.98 6.41
CA HIS B 7 0.74 23.73 5.03
C HIS B 7 1.10 22.32 4.71
N ALA B 8 0.26 21.63 3.94
CA ALA B 8 0.62 20.33 3.45
C ALA B 8 1.97 20.51 2.79
N PRO B 9 2.87 19.54 2.97
CA PRO B 9 4.09 19.57 2.20
C PRO B 9 3.72 19.62 0.72
N SER B 10 4.43 20.43 -0.02
CA SER B 10 4.27 20.51 -1.45
C SER B 10 5.54 21.14 -1.96
N PRO B 11 5.95 20.81 -3.20
CA PRO B 11 7.14 21.42 -3.75
C PRO B 11 7.04 22.94 -3.68
N SER B 12 5.82 23.46 -3.68
CA SER B 12 5.59 24.90 -3.69
C SER B 12 5.80 25.54 -2.33
N THR B 13 5.65 24.77 -1.27
CA THR B 13 5.75 25.33 0.06
C THR B 13 6.90 24.74 0.84
N ASN B 14 7.37 23.57 0.42
CA ASN B 14 8.44 22.93 1.16
C ASN B 14 9.67 23.77 1.13
N LEU B 15 10.44 23.66 2.20
CA LEU B 15 11.80 24.12 2.19
C LEU B 15 12.60 23.20 1.29
N PRO B 16 13.69 23.72 0.73
CA PRO B 16 14.60 22.94 -0.09
C PRO B 16 15.17 21.82 0.69
N SER B 17 15.20 21.97 2.01
CA SER B 17 15.78 20.95 2.82
C SER B 17 14.99 20.74 4.07
N TYR B 18 15.06 19.50 4.54
CA TYR B 18 14.70 19.18 5.88
C TYR B 18 15.35 20.19 6.79
N GLY B 19 14.56 20.68 7.73
CA GLY B 19 15.03 21.61 8.73
C GLY B 19 15.62 22.86 8.12
N ASN B 20 15.15 23.18 6.92
CA ASN B 20 15.73 24.27 6.15
C ASN B 20 17.23 24.17 6.02
N GLY B 21 17.75 22.94 6.08
CA GLY B 21 19.17 22.70 5.98
C GLY B 21 19.95 23.17 7.18
N ALA B 22 19.26 23.77 8.15
CA ALA B 22 19.91 24.26 9.36
C ALA B 22 20.09 23.10 10.34
N PHE B 23 19.23 22.10 10.21
CA PHE B 23 19.43 20.89 10.95
C PHE B 23 19.00 19.73 10.06
N SER B 24 19.48 18.55 10.37
CA SER B 24 19.09 17.40 9.59
C SER B 24 18.69 16.33 10.54
N LEU B 25 18.04 15.33 10.00
CA LEU B 25 17.77 14.12 10.72
C LEU B 25 19.01 13.25 10.64
N SER B 26 19.70 13.14 11.76
CA SER B 26 20.88 12.33 11.74
C SER B 26 21.09 11.69 13.06
N ALA B 27 21.97 10.71 13.03
CA ALA B 27 22.45 10.09 14.23
C ALA B 27 23.02 11.21 15.08
N PRO B 28 22.83 11.12 16.40
CA PRO B 28 23.28 12.17 17.28
C PRO B 28 24.80 12.35 17.23
N HIS B 29 25.28 13.45 17.78
CA HIS B 29 26.69 13.57 18.05
C HIS B 29 27.07 12.56 19.11
N VAL B 30 28.13 11.86 18.81
CA VAL B 30 28.62 10.81 19.64
C VAL B 30 30.02 11.33 19.93
N PRO B 31 30.16 12.07 21.03
CA PRO B 31 31.42 12.69 21.42
C PRO B 31 32.51 11.64 21.54
N GLY B 32 33.66 11.92 20.93
CA GLY B 32 34.78 11.00 20.99
C GLY B 32 34.61 9.76 20.13
N ALA B 33 33.59 9.73 19.28
CA ALA B 33 33.42 8.59 18.37
C ALA B 33 34.05 8.86 17.02
N GLY B 34 34.59 10.06 16.87
CA GLY B 34 35.12 10.49 15.59
C GLY B 34 33.97 10.84 14.67
N PRO B 35 34.26 11.02 13.37
CA PRO B 35 33.26 11.40 12.40
C PRO B 35 32.05 10.50 12.43
N LEU B 36 30.90 11.09 12.18
CA LEU B 36 29.69 10.32 12.01
C LEU B 36 29.79 9.51 10.73
N LEU B 37 29.66 8.21 10.89
CA LEU B 37 29.73 7.29 9.79
C LEU B 37 28.34 6.84 9.42
N VAL B 38 28.17 6.56 8.14
CA VAL B 38 26.85 6.22 7.63
C VAL B 38 26.26 5.06 8.38
N GLN B 39 27.08 4.07 8.76
CA GLN B 39 26.55 2.94 9.50
C GLN B 39 25.74 3.39 10.70
N VAL B 40 26.30 4.32 11.46
CA VAL B 40 25.63 4.85 12.62
C VAL B 40 24.35 5.49 12.17
N VAL B 41 24.44 6.35 11.16
CA VAL B 41 23.27 7.10 10.75
C VAL B 41 22.21 6.15 10.21
N TYR B 42 22.67 5.20 9.41
CA TYR B 42 21.84 4.16 8.82
C TYR B 42 21.08 3.43 9.89
N SER B 43 21.79 3.02 10.93
CA SER B 43 21.14 2.29 12.00
C SER B 43 20.22 3.22 12.75
N PHE B 44 20.64 4.48 12.90
CA PHE B 44 19.83 5.48 13.57
C PHE B 44 18.52 5.69 12.81
N PHE B 45 18.60 5.78 11.50
CA PHE B 45 17.39 5.85 10.69
C PHE B 45 16.49 4.66 10.80
N GLN B 46 17.05 3.50 11.09
CA GLN B 46 16.24 2.33 11.31
C GLN B 46 15.63 2.34 12.70
N SER B 47 16.20 3.14 13.59
CA SER B 47 15.79 3.17 14.98
C SER B 47 14.66 4.15 15.18
N PRO B 48 13.74 3.83 16.13
CA PRO B 48 12.68 4.73 16.51
C PRO B 48 13.21 6.10 16.86
N ASN B 49 14.46 6.17 17.30
CA ASN B 49 15.08 7.42 17.67
C ASN B 49 15.08 8.43 16.58
N MET B 50 15.20 7.97 15.34
CA MET B 50 15.16 8.91 14.23
C MET B 50 13.85 9.66 14.23
N CYS B 51 12.80 8.95 14.60
CA CYS B 51 11.49 9.54 14.58
C CYS B 51 11.40 10.53 15.71
N LEU B 52 11.81 10.07 16.88
CA LEU B 52 11.74 10.90 18.04
C LEU B 52 12.58 12.13 17.82
N GLN B 53 13.78 11.91 17.27
CA GLN B 53 14.69 12.99 16.98
C GLN B 53 14.00 13.99 16.08
N ALA B 54 13.40 13.50 15.00
CA ALA B 54 12.81 14.40 14.04
C ALA B 54 11.73 15.21 14.71
N LEU B 55 10.96 14.57 15.58
CA LEU B 55 9.91 15.28 16.26
C LEU B 55 10.49 16.23 17.29
N THR B 56 11.56 15.80 17.92
CA THR B 56 12.23 16.65 18.89
C THR B 56 12.79 17.86 18.16
N GLN B 57 13.38 17.63 17.00
CA GLN B 57 13.85 18.73 16.20
C GLN B 57 12.76 19.70 15.82
N LEU B 58 11.61 19.16 15.46
CA LEU B 58 10.44 20.00 15.25
C LEU B 58 10.13 20.75 16.53
N GLU B 59 9.96 20.00 17.61
CA GLU B 59 9.57 20.64 18.87
C GLU B 59 10.62 21.65 19.30
N ASP B 60 11.87 21.30 19.11
CA ASP B 60 12.97 22.19 19.47
C ASP B 60 12.89 23.41 18.63
N TYR B 61 12.61 23.21 17.35
CA TYR B 61 12.57 24.28 16.41
C TYR B 61 11.44 25.21 16.76
N ILE B 62 10.30 24.62 17.10
CA ILE B 62 9.15 25.34 17.60
C ILE B 62 9.52 26.11 18.87
N LYS B 63 10.24 25.44 19.76
CA LYS B 63 10.66 26.05 21.01
C LYS B 63 11.57 27.24 20.77
N LYS B 64 12.43 27.12 19.77
CA LYS B 64 13.41 28.15 19.47
C LYS B 64 12.82 29.31 18.69
N HIS B 65 11.86 29.03 17.81
CA HIS B 65 11.36 30.03 16.85
C HIS B 65 9.88 30.30 16.93
N GLY B 66 9.17 29.45 17.64
CA GLY B 66 7.72 29.60 17.77
C GLY B 66 6.98 28.71 16.80
N ALA B 67 5.84 28.18 17.26
CA ALA B 67 5.01 27.32 16.44
C ALA B 67 4.37 28.10 15.30
N SER B 68 4.07 29.38 15.55
CA SER B 68 3.41 30.20 14.52
C SER B 68 4.36 30.74 13.48
N ASN B 69 5.65 30.66 13.76
CA ASN B 69 6.65 31.21 12.87
C ASN B 69 6.52 30.54 11.50
N PRO B 70 6.30 31.34 10.45
CA PRO B 70 6.11 30.77 9.13
C PRO B 70 7.26 29.82 8.74
N LEU B 71 8.48 30.12 9.19
CA LEU B 71 9.61 29.24 8.89
C LEU B 71 9.47 27.93 9.64
N THR B 72 8.93 28.02 10.85
CA THR B 72 8.64 26.86 11.66
C THR B 72 7.64 25.99 10.91
N LEU B 73 6.55 26.61 10.46
CA LEU B 73 5.45 25.88 9.86
C LEU B 73 5.98 25.18 8.63
N GLN B 74 6.81 25.89 7.91
CA GLN B 74 7.47 25.32 6.76
C GLN B 74 8.38 24.22 7.15
N ILE B 75 9.10 24.39 8.26
CA ILE B 75 10.05 23.37 8.65
C ILE B 75 9.29 22.14 9.02
N ILE B 76 8.20 22.31 9.75
CA ILE B 76 7.38 21.20 10.16
C ILE B 76 6.89 20.53 8.91
N SER B 77 6.26 21.30 8.03
CA SER B 77 5.68 20.72 6.83
C SER B 77 6.75 19.97 6.06
N THR B 78 7.86 20.65 5.83
CA THR B 78 8.93 20.08 5.04
C THR B 78 9.48 18.82 5.67
N ASN B 79 9.80 18.92 6.95
CA ASN B 79 10.43 17.83 7.67
C ASN B 79 9.45 16.67 7.71
N ILE B 80 8.21 16.97 8.04
CA ILE B 80 7.19 15.92 8.01
C ILE B 80 7.12 15.32 6.61
N GLY B 81 7.16 16.18 5.59
CA GLY B 81 7.25 15.77 4.21
C GLY B 81 8.34 14.72 4.01
N TYR B 82 9.51 14.96 4.58
CA TYR B 82 10.59 13.99 4.52
C TYR B 82 10.15 12.64 5.02
N PHE B 83 9.40 12.65 6.11
CA PHE B 83 8.95 11.43 6.70
C PHE B 83 7.90 10.76 5.87
N CYS B 84 7.04 11.56 5.28
CA CYS B 84 6.02 11.02 4.42
C CYS B 84 6.67 10.46 3.21
N ASN B 85 7.66 11.16 2.69
CA ASN B 85 8.38 10.68 1.55
C ASN B 85 9.06 9.38 1.88
N ALA B 86 9.78 9.39 2.98
CA ALA B 86 10.49 8.23 3.47
C ALA B 86 9.48 7.14 3.65
N ASP B 87 8.38 7.45 4.31
CA ASP B 87 7.43 6.39 4.58
C ASP B 87 6.85 5.84 3.30
N ARG B 88 6.60 6.73 2.34
CA ARG B 88 6.04 6.28 1.11
C ARG B 88 6.96 5.28 0.46
N ASN B 89 8.23 5.64 0.44
CA ASN B 89 9.22 4.75 -0.15
C ASN B 89 9.27 3.46 0.63
N LEU B 90 9.10 3.52 1.94
CA LEU B 90 9.08 2.30 2.73
C LEU B 90 7.89 1.45 2.35
N VAL B 91 6.75 2.10 2.16
CA VAL B 91 5.56 1.34 1.83
C VAL B 91 5.73 0.75 0.44
N LEU B 92 6.24 1.57 -0.49
CA LEU B 92 6.38 1.18 -1.87
C LEU B 92 7.44 0.12 -2.07
N HIS B 93 8.47 0.18 -1.24
CA HIS B 93 9.60 -0.73 -1.31
C HIS B 93 9.76 -1.36 0.02
N PRO B 94 8.82 -2.25 0.38
CA PRO B 94 8.94 -2.81 1.71
C PRO B 94 10.29 -3.51 1.78
N GLY B 95 10.93 -3.44 2.93
CA GLY B 95 12.20 -4.14 3.11
C GLY B 95 13.39 -3.24 2.98
N ILE B 96 13.23 -2.11 2.32
CA ILE B 96 14.34 -1.18 2.30
C ILE B 96 14.48 -0.53 3.66
N SER B 97 15.71 -0.15 3.99
CA SER B 97 15.98 0.44 5.26
C SER B 97 15.32 1.78 5.25
N VAL B 98 15.04 2.29 6.43
CA VAL B 98 14.52 3.62 6.53
C VAL B 98 15.54 4.56 5.96
N TYR B 99 16.79 4.31 6.25
CA TYR B 99 17.79 5.26 5.83
C TYR B 99 17.70 5.43 4.32
N ASP B 100 17.60 4.33 3.61
CA ASP B 100 17.53 4.38 2.15
C ASP B 100 16.24 5.00 1.68
N ALA B 101 15.14 4.61 2.30
CA ALA B 101 13.85 5.18 1.94
C ALA B 101 13.92 6.65 2.12
N TYR B 102 14.55 7.05 3.20
CA TYR B 102 14.57 8.42 3.59
C TYR B 102 15.45 9.26 2.72
N HIS B 103 16.56 8.68 2.29
CA HIS B 103 17.59 9.48 1.61
C HIS B 103 17.58 9.29 0.11
N PHE B 104 16.92 8.23 -0.33
CA PHE B 104 16.78 7.89 -1.74
C PHE B 104 15.40 7.21 -1.99
N ALA B 105 14.32 7.93 -2.34
CA ALA B 105 14.20 9.39 -2.49
C ALA B 105 15.31 10.08 -3.28
N LYS B 106 15.17 10.27 -4.61
CA LYS B 106 13.93 10.26 -5.45
C LYS B 106 12.65 9.53 -5.00
N PRO B 107 11.51 10.25 -5.01
CA PRO B 107 11.46 11.66 -5.42
C PRO B 107 12.09 12.47 -4.32
N ALA B 108 12.64 13.63 -4.64
CA ALA B 108 13.33 14.42 -3.63
C ALA B 108 12.36 14.64 -2.48
N PRO B 109 12.76 14.29 -1.25
CA PRO B 109 11.85 14.48 -0.13
C PRO B 109 11.41 15.92 0.05
N SER B 110 12.25 16.86 -0.38
CA SER B 110 11.92 18.26 -0.27
C SER B 110 10.84 18.58 -1.29
N GLN B 111 10.67 17.70 -2.26
CA GLN B 111 9.65 17.90 -3.28
C GLN B 111 8.39 17.17 -2.86
N TYR B 112 8.42 16.60 -1.67
CA TYR B 112 7.28 15.82 -1.22
C TYR B 112 6.03 16.63 -1.30
N ASP B 113 5.03 16.04 -1.93
CA ASP B 113 3.78 16.72 -2.04
C ASP B 113 2.72 15.89 -1.40
N TYR B 114 2.34 16.29 -0.21
CA TYR B 114 1.39 15.50 0.55
C TYR B 114 0.11 15.34 -0.23
N ARG B 115 -0.44 16.42 -0.78
CA ARG B 115 -1.71 16.29 -1.48
C ARG B 115 -1.66 15.22 -2.55
N SER B 116 -0.56 15.15 -3.30
CA SER B 116 -0.52 14.23 -4.41
C SER B 116 0.10 12.90 -4.02
N MET B 117 0.86 12.89 -2.94
CA MET B 117 1.66 11.72 -2.66
C MET B 117 1.20 11.02 -1.43
N ASN B 118 0.43 11.69 -0.59
CA ASN B 118 0.07 11.04 0.65
C ASN B 118 -0.49 9.69 0.34
N MET B 119 -0.15 8.76 1.20
CA MET B 119 -0.60 7.43 1.06
C MET B 119 -1.45 7.17 2.24
N LYS B 120 -2.38 6.28 2.04
CA LYS B 120 -3.26 5.91 3.08
C LYS B 120 -2.51 4.92 3.93
N GLN B 121 -1.62 4.17 3.31
CA GLN B 121 -0.95 3.17 4.07
C GLN B 121 0.28 3.79 4.62
N MET B 122 0.54 3.49 5.88
CA MET B 122 1.77 3.92 6.48
C MET B 122 2.56 2.71 6.62
N SER B 123 3.87 2.86 6.54
CA SER B 123 4.72 1.71 6.53
C SER B 123 4.75 1.01 7.85
N GLY B 124 4.48 1.72 8.96
CA GLY B 124 4.57 1.13 10.31
C GLY B 124 5.99 1.24 10.80
N ASN B 125 6.87 1.60 9.88
CA ASN B 125 8.26 1.82 10.23
C ASN B 125 8.40 3.07 11.06
N VAL B 126 9.64 3.42 11.40
CA VAL B 126 9.88 4.42 12.42
C VAL B 126 9.48 5.77 11.94
N THR B 127 9.27 5.86 10.63
CA THR B 127 8.85 7.11 10.03
C THR B 127 7.38 7.32 10.28
N THR B 128 6.66 6.26 10.59
CA THR B 128 5.21 6.28 10.57
C THR B 128 4.58 7.31 11.50
N PRO B 129 5.08 7.43 12.74
CA PRO B 129 4.41 8.37 13.63
C PRO B 129 4.39 9.77 13.05
N ILE B 130 5.49 10.17 12.43
CA ILE B 130 5.55 11.49 11.82
C ILE B 130 4.61 11.51 10.63
N VAL B 131 4.60 10.43 9.84
CA VAL B 131 3.67 10.33 8.75
C VAL B 131 2.28 10.38 9.38
N ALA B 132 2.12 9.71 10.48
CA ALA B 132 0.80 9.67 11.08
C ALA B 132 0.38 11.08 11.50
N LEU B 133 1.36 11.88 11.88
CA LEU B 133 1.09 13.24 12.26
C LEU B 133 0.80 14.01 11.02
N ALA B 134 1.45 13.64 9.91
CA ALA B 134 1.27 14.31 8.65
C ALA B 134 -0.16 14.18 8.29
N HIS B 135 -0.70 13.00 8.57
CA HIS B 135 -2.07 12.74 8.23
C HIS B 135 -3.01 13.47 9.09
N TYR B 136 -2.62 13.67 10.34
CA TYR B 136 -3.44 14.44 11.22
C TYR B 136 -3.46 15.82 10.60
N LEU B 137 -2.27 16.30 10.25
CA LEU B 137 -2.13 17.68 9.80
C LEU B 137 -2.84 17.90 8.52
N TRP B 138 -2.73 16.96 7.60
CA TRP B 138 -3.12 17.27 6.24
C TRP B 138 -4.07 16.29 5.64
N GLY B 139 -4.29 15.18 6.31
CA GLY B 139 -5.01 14.08 5.72
C GLY B 139 -6.49 14.34 5.74
N ASN B 140 -6.90 15.42 6.43
CA ASN B 140 -8.28 15.82 6.41
C ASN B 140 -9.23 14.69 6.84
N GLY B 141 -8.79 13.91 7.83
CA GLY B 141 -9.60 12.86 8.41
C GLY B 141 -9.56 11.60 7.61
N ALA B 142 -8.78 11.62 6.53
CA ALA B 142 -8.71 10.47 5.64
C ALA B 142 -8.20 9.30 6.44
N GLU B 143 -8.87 8.19 6.30
CA GLU B 143 -8.41 6.99 6.95
C GLU B 143 -7.08 6.55 6.39
N ARG B 144 -6.26 5.99 7.24
CA ARG B 144 -4.98 5.50 6.81
C ARG B 144 -4.99 4.11 7.27
N SER B 145 -3.90 3.44 7.01
CA SER B 145 -3.79 2.11 7.45
C SER B 145 -2.37 1.85 7.67
N VAL B 146 -2.13 0.85 8.48
CA VAL B 146 -0.83 0.30 8.52
C VAL B 146 -1.15 -1.14 8.70
N ASN B 147 -0.44 -1.97 7.97
CA ASN B 147 -0.70 -3.35 8.09
C ASN B 147 -0.17 -3.81 9.42
N ILE B 148 -0.94 -4.63 10.10
CA ILE B 148 -0.54 -5.10 11.38
C ILE B 148 0.81 -5.81 11.30
N ALA B 149 1.12 -6.30 10.11
CA ALA B 149 2.34 -7.04 9.88
C ALA B 149 3.49 -6.06 9.98
N ASN B 150 3.15 -4.78 9.92
CA ASN B 150 4.17 -3.72 9.92
C ASN B 150 4.33 -2.92 11.18
N ILE B 151 3.58 -3.29 12.21
CA ILE B 151 3.59 -2.48 13.41
C ILE B 151 4.44 -3.07 14.51
N GLY B 152 5.27 -4.06 14.19
CA GLY B 152 6.26 -4.55 15.13
C GLY B 152 5.55 -5.09 16.34
N LEU B 153 4.44 -5.79 16.11
CA LEU B 153 3.76 -6.41 17.21
C LEU B 153 4.70 -7.39 17.91
N LYS B 154 4.70 -7.30 19.22
CA LYS B 154 5.33 -8.28 20.07
C LYS B 154 4.24 -8.82 20.94
N ILE B 155 3.84 -10.05 20.69
CA ILE B 155 2.73 -10.62 21.40
C ILE B 155 3.27 -11.49 22.50
N SER B 156 2.76 -11.27 23.70
CA SER B 156 3.11 -12.06 24.85
C SER B 156 1.88 -12.87 25.16
N PRO B 157 1.82 -14.09 24.66
CA PRO B 157 0.66 -14.91 24.93
C PRO B 157 0.37 -14.97 26.42
N MET B 158 1.41 -14.94 27.25
CA MET B 158 1.20 -14.95 28.70
C MET B 158 0.44 -13.73 29.19
N LYS B 159 0.36 -12.70 28.37
CA LYS B 159 -0.40 -11.52 28.74
C LYS B 159 -1.81 -11.55 28.14
N ILE B 160 -2.19 -12.69 27.58
CA ILE B 160 -3.50 -12.86 26.96
C ILE B 160 -4.16 -14.01 27.70
N ASN B 161 -5.47 -14.27 27.53
CA ASN B 161 -6.11 -15.45 28.21
C ASN B 161 -5.60 -16.86 27.78
N GLN B 162 -4.53 -16.85 27.01
CA GLN B 162 -3.65 -17.98 26.94
C GLN B 162 -3.08 -18.15 28.33
N ILE B 163 -2.92 -17.03 29.05
CA ILE B 163 -2.51 -17.07 30.45
C ILE B 163 -3.46 -17.96 31.23
N LYS B 164 -4.76 -17.82 30.99
CA LYS B 164 -5.75 -18.62 31.68
C LYS B 164 -5.50 -20.10 31.43
N ASP B 165 -5.29 -20.49 30.17
CA ASP B 165 -5.04 -21.90 29.81
C ASP B 165 -3.72 -22.38 30.33
N ILE B 166 -2.69 -21.54 30.22
CA ILE B 166 -1.34 -21.90 30.68
C ILE B 166 -1.30 -22.06 32.19
N ILE B 167 -1.58 -20.97 32.91
CA ILE B 167 -1.55 -21.01 34.36
C ILE B 167 -2.64 -21.96 34.85
N LYS B 168 -2.52 -22.46 36.08
CA LYS B 168 -3.56 -23.30 36.65
C LYS B 168 -4.93 -22.61 36.48
N SER B 169 -5.71 -22.99 35.45
CA SER B 169 -5.63 -24.24 34.64
C SER B 169 -4.53 -25.27 34.90
N GLY B 170 -3.32 -25.01 34.40
CA GLY B 170 -2.22 -25.97 34.47
C GLY B 170 -2.52 -27.14 33.55
N VAL B 171 -3.60 -26.99 32.79
CA VAL B 171 -4.10 -28.04 31.92
C VAL B 171 -3.11 -28.22 30.76
N VAL B 172 -2.95 -29.45 30.29
CA VAL B 172 -1.93 -29.76 29.31
C VAL B 172 -2.58 -30.26 28.04
N GLY B 173 -2.01 -29.86 26.93
CA GLY B 173 -2.45 -30.33 25.64
C GLY B 173 -2.47 -29.21 24.65
N THR B 174 -3.43 -29.27 23.75
CA THR B 174 -3.46 -28.32 22.65
C THR B 174 -4.77 -27.61 22.71
N PHE B 175 -4.68 -26.29 22.85
CA PHE B 175 -5.85 -25.49 23.06
C PHE B 175 -6.00 -24.50 21.94
N PRO B 176 -7.13 -24.61 21.22
CA PRO B 176 -7.43 -23.54 20.31
C PRO B 176 -7.61 -22.29 21.14
N VAL B 177 -7.08 -21.19 20.61
CA VAL B 177 -7.23 -19.97 21.30
C VAL B 177 -7.92 -19.10 20.28
N SER B 178 -8.81 -18.30 20.78
CA SER B 178 -9.49 -17.37 19.94
C SER B 178 -9.85 -16.35 20.95
N THR B 179 -9.12 -15.25 20.96
CA THR B 179 -9.42 -14.29 21.97
C THR B 179 -9.08 -12.93 21.46
N LYS B 180 -9.56 -11.92 22.17
CA LYS B 180 -9.13 -10.58 21.88
C LYS B 180 -8.40 -10.10 23.10
N PHE B 181 -7.50 -9.16 22.88
CA PHE B 181 -6.80 -8.59 23.99
C PHE B 181 -6.38 -7.23 23.62
N THR B 182 -6.46 -6.35 24.59
CA THR B 182 -5.95 -5.01 24.46
C THR B 182 -4.47 -5.19 24.38
N HIS B 183 -3.84 -4.40 23.54
CA HIS B 183 -2.44 -4.59 23.36
C HIS B 183 -1.85 -3.20 23.32
N ALA B 184 -1.12 -2.85 24.38
CA ALA B 184 -0.49 -1.57 24.50
C ALA B 184 0.80 -1.60 23.69
N THR B 185 0.69 -1.29 22.41
CA THR B 185 1.87 -1.30 21.57
C THR B 185 2.90 -0.33 22.15
N GLY B 186 2.41 0.74 22.76
CA GLY B 186 3.30 1.75 23.36
C GLY B 186 4.14 1.25 24.50
N ASP B 187 3.71 0.15 25.09
CA ASP B 187 4.46 -0.48 26.16
C ASP B 187 5.83 -0.92 25.72
N TYR B 188 5.95 -1.26 24.44
CA TYR B 188 7.21 -1.81 23.95
C TYR B 188 7.61 -1.25 22.60
N ASN B 189 6.66 -0.62 21.91
CA ASN B 189 6.92 -0.17 20.57
C ASN B 189 6.64 1.29 20.47
N VAL B 190 7.70 2.08 20.53
CA VAL B 190 7.50 3.50 20.66
C VAL B 190 6.98 4.06 19.37
N ILE B 191 7.25 3.36 18.29
CA ILE B 191 6.79 3.82 17.00
C ILE B 191 5.30 3.51 16.93
N THR B 192 4.97 2.25 17.08
CA THR B 192 3.59 1.86 16.91
C THR B 192 2.79 2.49 18.01
N GLY B 193 3.38 2.56 19.20
CA GLY B 193 2.68 3.17 20.32
C GLY B 193 2.26 4.57 19.97
N ALA B 194 3.12 5.28 19.25
CA ALA B 194 2.93 6.70 18.98
C ALA B 194 1.60 6.94 18.31
N TYR B 195 1.26 6.10 17.36
CA TYR B 195 0.06 6.38 16.57
C TYR B 195 -1.02 5.34 16.66
N LEU B 196 -0.68 4.12 17.07
CA LEU B 196 -1.70 3.10 17.31
C LEU B 196 -1.96 2.94 18.79
N GLY B 197 -0.93 3.14 19.58
CA GLY B 197 -1.05 3.08 21.03
C GLY B 197 -1.67 1.75 21.40
N ASN B 198 -2.76 1.83 22.15
CA ASN B 198 -3.44 0.63 22.57
C ASN B 198 -4.31 0.17 21.43
N ILE B 199 -4.14 -1.08 21.08
CA ILE B 199 -4.96 -1.64 20.05
C ILE B 199 -5.59 -2.84 20.69
N THR B 200 -6.58 -3.40 20.04
CA THR B 200 -7.19 -4.58 20.54
C THR B 200 -6.93 -5.58 19.47
N LEU B 201 -6.33 -6.67 19.89
CA LEU B 201 -5.91 -7.62 18.94
C LEU B 201 -6.79 -8.81 19.09
N LYS B 202 -6.94 -9.54 17.99
CA LYS B 202 -7.65 -10.74 18.01
C LYS B 202 -6.60 -11.75 17.74
N THR B 203 -6.55 -12.78 18.55
CA THR B 203 -5.71 -13.86 18.17
C THR B 203 -6.50 -15.13 18.06
N GLU B 204 -6.14 -15.91 17.07
CA GLU B 204 -6.63 -17.27 16.97
C GLU B 204 -5.45 -18.13 16.74
N GLY B 205 -5.36 -19.19 17.51
CA GLY B 205 -4.32 -20.10 17.20
C GLY B 205 -4.44 -21.26 18.11
N THR B 206 -3.30 -21.87 18.32
CA THR B 206 -3.22 -23.10 19.05
C THR B 206 -2.21 -22.88 20.11
N LEU B 207 -2.66 -22.97 21.34
CA LEU B 207 -1.78 -22.97 22.47
C LEU B 207 -1.47 -24.39 22.82
N THR B 208 -0.22 -24.77 22.65
CA THR B 208 0.19 -26.08 23.08
C THR B 208 0.93 -25.94 24.38
N ILE B 209 0.41 -26.61 25.39
CA ILE B 209 1.12 -26.68 26.63
C ILE B 209 1.54 -28.13 26.77
N SER B 210 2.85 -28.34 26.74
CA SER B 210 3.40 -29.66 26.89
C SER B 210 3.39 -30.03 28.37
N ALA B 211 3.72 -31.28 28.64
CA ALA B 211 3.67 -31.83 29.99
C ALA B 211 4.51 -30.98 30.91
N ASN B 212 5.72 -30.63 30.46
CA ASN B 212 6.70 -29.93 31.29
C ASN B 212 6.43 -28.44 31.46
N GLY B 213 5.21 -28.02 31.11
CA GLY B 213 4.81 -26.63 31.27
C GLY B 213 5.18 -25.70 30.13
N SER B 214 6.05 -26.16 29.24
CA SER B 214 6.45 -25.40 28.07
C SER B 214 5.22 -25.22 27.21
N TRP B 215 5.03 -24.01 26.70
CA TRP B 215 3.89 -23.81 25.85
C TRP B 215 4.34 -23.16 24.59
N THR B 216 3.61 -23.43 23.54
CA THR B 216 3.81 -22.68 22.34
C THR B 216 2.47 -22.14 22.00
N TYR B 217 2.49 -20.90 21.59
CA TYR B 217 1.30 -20.37 21.03
C TYR B 217 1.61 -20.08 19.57
N ASN B 218 0.92 -20.80 18.69
CA ASN B 218 1.00 -20.58 17.27
C ASN B 218 -0.33 -20.00 16.88
N GLY B 219 -0.32 -18.76 16.47
CA GLY B 219 -1.58 -18.18 16.13
C GLY B 219 -1.45 -17.07 15.15
N VAL B 220 -2.60 -16.57 14.79
CA VAL B 220 -2.66 -15.41 13.96
C VAL B 220 -3.06 -14.29 14.89
N VAL B 221 -2.56 -13.10 14.61
CA VAL B 221 -2.99 -11.95 15.35
C VAL B 221 -3.47 -11.00 14.32
N ARG B 222 -4.67 -10.50 14.53
CA ARG B 222 -5.12 -9.45 13.68
C ARG B 222 -5.77 -8.49 14.59
N SER B 223 -6.03 -7.31 14.09
CA SER B 223 -6.58 -6.33 14.93
C SER B 223 -8.02 -6.72 15.15
N TYR B 224 -8.47 -6.56 16.38
CA TYR B 224 -9.84 -6.83 16.68
C TYR B 224 -10.63 -5.60 16.26
N ASP B 225 -10.09 -4.43 16.54
CA ASP B 225 -10.69 -3.21 16.03
C ASP B 225 -10.24 -3.02 14.60
N ASP B 226 -11.17 -2.62 13.74
CA ASP B 226 -10.86 -2.41 12.33
C ASP B 226 -9.84 -1.30 12.22
N LYS B 227 -10.00 -0.30 13.05
CA LYS B 227 -9.20 0.89 12.90
C LYS B 227 -9.04 1.54 14.24
N TYR B 228 -8.07 2.43 14.31
CA TYR B 228 -7.79 3.12 15.53
C TYR B 228 -7.74 4.56 15.22
N ASP B 229 -8.18 5.34 16.20
CA ASP B 229 -8.20 6.76 16.04
C ASP B 229 -6.84 7.25 16.28
N PHE B 230 -6.40 8.11 15.38
CA PHE B 230 -5.19 8.82 15.63
C PHE B 230 -5.61 10.12 16.25
N ASN B 231 -5.33 10.24 17.53
CA ASN B 231 -5.52 11.52 18.19
C ASN B 231 -4.66 11.54 19.44
N ALA B 232 -4.75 12.64 20.18
CA ALA B 232 -3.93 12.83 21.36
C ALA B 232 -4.26 11.78 22.40
N SER B 233 -5.53 11.40 22.49
CA SER B 233 -5.92 10.41 23.49
C SER B 233 -5.32 9.04 23.24
N THR B 234 -5.04 8.72 21.98
CA THR B 234 -4.65 7.37 21.64
C THR B 234 -3.16 7.23 21.45
N HIS B 235 -2.44 8.32 21.25
CA HIS B 235 -0.99 8.17 21.16
C HIS B 235 -0.48 7.59 22.45
N ARG B 236 0.57 6.81 22.31
CA ARG B 236 1.23 6.25 23.46
C ARG B 236 2.71 6.38 23.26
N GLY B 237 3.43 6.40 24.37
CA GLY B 237 4.87 6.36 24.32
C GLY B 237 5.39 7.72 24.03
N ILE B 238 6.71 7.84 24.04
CA ILE B 238 7.27 9.17 24.09
C ILE B 238 7.15 9.85 22.75
N ILE B 239 7.18 9.07 21.67
CA ILE B 239 6.96 9.65 20.37
C ILE B 239 5.52 10.11 20.29
N GLY B 240 4.59 9.30 20.78
CA GLY B 240 3.19 9.70 20.87
C GLY B 240 3.07 11.02 21.59
N GLU B 241 3.82 11.18 22.67
CA GLU B 241 3.79 12.45 23.42
C GLU B 241 4.20 13.61 22.54
N SER B 242 5.23 13.40 21.74
CA SER B 242 5.67 14.42 20.81
C SER B 242 4.54 14.65 19.84
N LEU B 243 3.97 13.57 19.32
CA LEU B 243 2.87 13.71 18.39
C LEU B 243 1.76 14.52 19.03
N THR B 244 1.52 14.25 20.30
CA THR B 244 0.45 14.92 21.02
C THR B 244 0.74 16.41 21.13
N ARG B 245 1.99 16.74 21.43
CA ARG B 245 2.35 18.12 21.65
C ARG B 245 2.29 18.87 20.36
N LEU B 246 2.78 18.23 19.29
CA LEU B 246 2.74 18.82 17.97
C LEU B 246 1.30 18.92 17.51
N GLY B 247 0.55 17.83 17.67
CA GLY B 247 -0.87 17.81 17.33
C GLY B 247 -1.67 18.85 18.08
N ALA B 248 -1.20 19.20 19.28
CA ALA B 248 -1.83 20.22 20.11
C ALA B 248 -1.59 21.59 19.52
N MET B 249 -0.45 21.72 18.84
CA MET B 249 -0.03 23.00 18.31
C MET B 249 -0.62 23.28 16.93
N PHE B 250 -0.91 22.24 16.18
CA PHE B 250 -1.22 22.44 14.77
C PHE B 250 -2.52 21.81 14.36
N SER B 251 -3.22 22.51 13.48
CA SER B 251 -4.50 22.06 13.00
C SER B 251 -4.31 20.74 12.28
N GLY B 252 -5.28 19.89 12.45
CA GLY B 252 -5.28 18.65 11.75
C GLY B 252 -6.62 18.09 12.04
N LYS B 253 -6.87 16.90 11.52
CA LYS B 253 -8.08 16.20 11.84
C LYS B 253 -7.64 14.86 12.32
N GLU B 254 -8.27 14.43 13.39
CA GLU B 254 -8.26 13.05 13.79
C GLU B 254 -8.64 12.20 12.58
N TYR B 255 -8.10 11.00 12.51
CA TYR B 255 -8.48 10.15 11.46
C TYR B 255 -8.22 8.82 12.02
N GLN B 256 -8.72 7.83 11.30
CA GLN B 256 -8.55 6.48 11.75
C GLN B 256 -7.54 5.73 10.95
N ILE B 257 -6.96 4.77 11.60
CA ILE B 257 -5.90 4.05 11.01
C ILE B 257 -6.39 2.64 11.03
N LEU B 258 -6.63 2.11 9.86
CA LEU B 258 -6.98 0.73 9.75
C LEU B 258 -5.78 -0.07 10.15
N LEU B 259 -6.02 -1.18 10.80
CA LEU B 259 -4.92 -2.08 11.08
C LEU B 259 -5.27 -3.41 10.47
N PRO B 260 -5.21 -3.48 9.12
CA PRO B 260 -5.59 -4.70 8.50
C PRO B 260 -4.47 -5.68 8.63
N GLY B 261 -4.76 -6.89 8.24
CA GLY B 261 -3.74 -7.87 8.14
C GLY B 261 -3.74 -8.78 9.33
N GLU B 262 -2.81 -9.70 9.28
CA GLU B 262 -2.77 -10.77 10.23
C GLU B 262 -1.30 -10.96 10.32
N ILE B 263 -0.82 -11.21 11.52
CA ILE B 263 0.51 -11.75 11.61
C ILE B 263 0.34 -13.15 12.12
N HIS B 264 1.31 -13.98 11.82
CA HIS B 264 1.34 -15.30 12.38
C HIS B 264 2.38 -15.20 13.45
N ILE B 265 2.00 -15.57 14.66
CA ILE B 265 2.95 -15.55 15.74
C ILE B 265 3.21 -16.98 16.13
N LYS B 266 4.46 -17.22 16.49
CA LYS B 266 4.86 -18.48 17.05
C LYS B 266 5.60 -18.12 18.32
N GLU B 267 4.89 -18.28 19.43
CA GLU B 267 5.38 -17.84 20.72
C GLU B 267 5.54 -19.03 21.61
N SER B 268 6.47 -18.94 22.55
CA SER B 268 6.82 -20.04 23.41
C SER B 268 7.25 -19.53 24.76
N GLY B 269 6.81 -20.22 25.80
CA GLY B 269 7.27 -19.94 27.13
C GLY B 269 7.22 -21.24 27.89
N LYS B 270 7.37 -21.12 29.20
CA LYS B 270 7.27 -22.25 30.09
C LYS B 270 6.42 -21.80 31.25
N ARG B 271 5.42 -22.60 31.59
CA ARG B 271 4.51 -22.30 32.69
C ARG B 271 5.27 -22.03 33.99
#